data_7EUP
#
_entry.id   7EUP
#
_cell.length_a   66.822
_cell.length_b   66.822
_cell.length_c   116.388
_cell.angle_alpha   90.000
_cell.angle_beta   90.000
_cell.angle_gamma   120.000
#
_symmetry.space_group_name_H-M   'P 32 2 1'
#
loop_
_entity.id
_entity.type
_entity.pdbx_description
1 polymer 'Cupin domain-containing protein'
2 non-polymer 'FE (III) ION'
3 non-polymer '(2S,3R)-2-azanyl-3-phenyl-butanoic acid'
4 water water
#
_entity_poly.entity_id   1
_entity_poly.type   'polypeptide(L)'
_entity_poly.pdbx_seq_one_letter_code
;MTVQDKAAGSDAEIVTALPVPLAVAGHHQPAPFYLTADMFGGLPVQLAGGELSKLVGKPVAAPHVHEVDELYFLVSPEPG
QARIEVHLDGVRHELVSPAVMRIPAGSEHCFLTLEATVGSYCFGILVGDRL
;
_entity_poly.pdbx_strand_id   A,B
#
# COMPACT_ATOMS: atom_id res chain seq x y z
N ASP A 11 -22.92 -7.84 -5.31
CA ASP A 11 -22.24 -8.36 -6.49
C ASP A 11 -20.72 -8.26 -6.35
N ALA A 12 -20.23 -7.03 -6.25
CA ALA A 12 -18.80 -6.75 -6.08
C ALA A 12 -18.32 -7.15 -4.69
N GLU A 13 -17.05 -7.58 -4.61
CA GLU A 13 -16.48 -7.91 -3.31
C GLU A 13 -15.76 -6.68 -2.74
N ILE A 14 -16.29 -6.15 -1.64
CA ILE A 14 -15.79 -4.96 -0.95
C ILE A 14 -15.48 -5.34 0.48
N VAL A 15 -14.32 -4.91 0.97
CA VAL A 15 -13.93 -5.08 2.37
C VAL A 15 -13.79 -3.70 3.01
N THR A 16 -14.55 -3.45 4.08
CA THR A 16 -14.43 -2.23 4.84
C THR A 16 -14.30 -2.47 6.35
N ALA A 17 -14.29 -3.73 6.80
CA ALA A 17 -13.99 -4.05 8.19
C ALA A 17 -12.47 -4.04 8.33
N LEU A 18 -11.92 -2.84 8.42
CA LEU A 18 -10.49 -2.57 8.26
C LEU A 18 -10.05 -1.52 9.26
N PRO A 19 -8.78 -1.58 9.70
CA PRO A 19 -7.82 -2.65 9.43
C PRO A 19 -8.18 -3.94 10.16
N VAL A 20 -7.58 -5.06 9.78
CA VAL A 20 -7.72 -6.32 10.49
C VAL A 20 -6.53 -6.42 11.44
N PRO A 21 -6.72 -6.35 12.77
CA PRO A 21 -5.59 -6.52 13.68
C PRO A 21 -5.15 -7.97 13.70
N LEU A 22 -3.87 -8.20 13.38
CA LEU A 22 -3.27 -9.52 13.42
C LEU A 22 -1.99 -9.46 14.25
N ALA A 23 -1.74 -10.49 15.04
CA ALA A 23 -0.47 -10.56 15.76
C ALA A 23 0.65 -10.89 14.79
N VAL A 24 1.79 -10.23 14.95
CA VAL A 24 2.97 -10.49 14.15
C VAL A 24 4.14 -10.60 15.12
N ALA A 25 5.15 -11.38 14.74
CA ALA A 25 6.23 -11.71 15.67
C ALA A 25 6.97 -10.47 16.14
N GLY A 26 7.19 -10.39 17.46
CA GLY A 26 7.93 -9.29 18.02
C GLY A 26 7.16 -8.01 18.20
N HIS A 27 5.98 -7.89 17.59
CA HIS A 27 5.22 -6.65 17.63
C HIS A 27 4.51 -6.52 18.97
N HIS A 28 4.59 -5.33 19.56
CA HIS A 28 4.05 -5.13 20.90
C HIS A 28 2.54 -5.23 20.90
N GLN A 29 1.90 -4.65 19.89
CA GLN A 29 0.45 -4.61 19.70
C GLN A 29 0.13 -5.26 18.36
N PRO A 30 -1.09 -5.75 18.17
CA PRO A 30 -1.45 -6.30 16.84
C PRO A 30 -1.25 -5.25 15.75
N ALA A 31 -0.82 -5.71 14.60
CA ALA A 31 -0.50 -4.87 13.46
C ALA A 31 -1.75 -4.67 12.60
N PRO A 32 -1.95 -3.48 12.03
CA PRO A 32 -3.16 -3.25 11.23
C PRO A 32 -2.98 -3.71 9.78
N PHE A 33 -3.74 -4.74 9.40
CA PHE A 33 -3.65 -5.34 8.07
C PHE A 33 -4.81 -4.83 7.21
N TYR A 34 -4.49 -4.50 5.96
CA TYR A 34 -5.52 -4.13 4.98
C TYR A 34 -5.72 -5.18 3.90
N LEU A 35 -4.72 -6.01 3.64
CA LEU A 35 -4.86 -7.18 2.79
C LEU A 35 -4.37 -8.38 3.57
N THR A 36 -5.19 -9.41 3.65
CA THR A 36 -4.79 -10.65 4.30
C THR A 36 -4.89 -11.79 3.30
N ALA A 37 -4.17 -12.87 3.58
CA ALA A 37 -4.01 -13.97 2.62
C ALA A 37 -5.32 -14.63 2.25
N ASP A 38 -6.33 -14.57 3.12
CA ASP A 38 -7.58 -15.25 2.86
C ASP A 38 -8.60 -14.40 2.13
N MET A 39 -8.34 -13.10 1.93
CA MET A 39 -9.33 -12.25 1.27
C MET A 39 -9.53 -12.67 -0.18
N PHE A 40 -10.78 -12.49 -0.66
CA PHE A 40 -11.12 -12.62 -2.07
C PHE A 40 -10.79 -14.01 -2.62
N GLY A 41 -10.92 -15.04 -1.80
CA GLY A 41 -10.56 -16.35 -2.28
C GLY A 41 -9.08 -16.65 -2.28
N GLY A 42 -8.25 -15.74 -1.76
CA GLY A 42 -6.83 -16.02 -1.66
C GLY A 42 -5.95 -14.98 -2.32
N LEU A 43 -5.00 -14.44 -1.56
CA LEU A 43 -4.11 -13.43 -2.11
C LEU A 43 -2.66 -13.87 -1.95
N PRO A 44 -1.78 -13.50 -2.89
CA PRO A 44 -0.37 -13.87 -2.78
C PRO A 44 0.44 -12.93 -1.91
N VAL A 45 -0.20 -11.93 -1.30
CA VAL A 45 0.47 -11.00 -0.39
C VAL A 45 -0.45 -10.72 0.77
N GLN A 46 0.16 -10.25 1.87
CA GLN A 46 -0.52 -9.61 2.98
C GLN A 46 0.11 -8.24 3.15
N LEU A 47 -0.68 -7.29 3.60
CA LEU A 47 -0.25 -5.90 3.57
C LEU A 47 -0.72 -5.26 4.86
N ALA A 48 0.23 -4.74 5.63
CA ALA A 48 -0.03 -4.14 6.91
C ALA A 48 0.69 -2.80 6.98
N GLY A 49 0.23 -1.94 7.87
CA GLY A 49 1.00 -0.75 8.14
C GLY A 49 0.08 0.39 8.41
N GLY A 50 0.62 1.59 8.35
CA GLY A 50 -0.22 2.72 8.66
C GLY A 50 0.53 4.01 8.63
N GLU A 51 -0.21 5.05 9.01
CA GLU A 51 0.30 6.40 9.00
C GLU A 51 1.32 6.57 10.13
N LEU A 52 2.41 7.27 9.85
CA LEU A 52 3.59 7.29 10.72
C LEU A 52 3.71 8.53 11.59
N SER A 53 2.83 9.52 11.42
CA SER A 53 3.07 10.82 12.05
C SER A 53 3.11 10.74 13.57
N LYS A 54 2.41 9.78 14.17
CA LYS A 54 2.40 9.62 15.61
C LYS A 54 3.37 8.54 16.09
N LEU A 55 4.20 8.00 15.20
CA LEU A 55 5.11 6.91 15.52
C LEU A 55 6.57 7.33 15.58
N VAL A 56 6.86 8.62 15.39
CA VAL A 56 8.25 9.06 15.41
C VAL A 56 8.88 8.73 16.75
N GLY A 57 10.01 8.03 16.72
CA GLY A 57 10.70 7.60 17.91
C GLY A 57 10.17 6.36 18.59
N LYS A 58 9.02 5.85 18.18
CA LYS A 58 8.41 4.71 18.88
C LYS A 58 8.36 3.44 18.02
N PRO A 59 9.22 2.47 18.24
CA PRO A 59 9.22 1.31 17.34
C PRO A 59 7.99 0.45 17.61
N VAL A 60 7.47 -0.18 16.56
CA VAL A 60 6.24 -0.95 16.72
C VAL A 60 6.56 -2.40 17.02
N ALA A 61 7.83 -2.80 16.89
CA ALA A 61 8.22 -4.18 17.11
C ALA A 61 9.68 -4.26 17.53
N ALA A 62 9.97 -5.32 18.28
CA ALA A 62 11.31 -5.77 18.57
C ALA A 62 11.80 -6.46 17.30
N PRO A 63 13.12 -6.66 17.14
CA PRO A 63 13.59 -7.35 15.92
C PRO A 63 12.97 -8.73 15.83
N HIS A 64 12.69 -9.16 14.61
CA HIS A 64 11.94 -10.38 14.39
C HIS A 64 12.31 -10.94 13.02
N VAL A 65 11.87 -12.17 12.77
CA VAL A 65 12.16 -12.87 11.53
C VAL A 65 10.86 -13.47 11.03
N HIS A 66 10.69 -13.48 9.72
CA HIS A 66 9.61 -14.22 9.09
C HIS A 66 10.24 -15.28 8.22
N GLU A 67 9.45 -16.29 7.86
CA GLU A 67 9.86 -17.24 6.85
C GLU A 67 9.32 -16.88 5.48
N VAL A 68 8.75 -15.68 5.31
CA VAL A 68 8.48 -15.15 3.99
C VAL A 68 9.21 -13.83 3.84
N ASP A 69 9.41 -13.43 2.59
CA ASP A 69 9.95 -12.12 2.28
C ASP A 69 9.00 -11.02 2.70
N GLU A 70 9.55 -9.92 3.17
CA GLU A 70 8.75 -8.75 3.50
C GLU A 70 9.33 -7.53 2.81
N LEU A 71 8.43 -6.73 2.20
CA LEU A 71 8.80 -5.44 1.63
C LEU A 71 8.33 -4.32 2.53
N TYR A 72 9.22 -3.38 2.82
CA TYR A 72 8.84 -2.09 3.38
C TYR A 72 8.56 -1.13 2.24
N PHE A 73 7.38 -0.54 2.25
CA PHE A 73 7.00 0.46 1.25
C PHE A 73 6.76 1.76 2.02
N LEU A 74 7.65 2.73 1.82
CA LEU A 74 7.63 4.00 2.55
C LEU A 74 7.23 5.09 1.57
N VAL A 75 6.14 5.80 1.88
CA VAL A 75 5.60 6.78 0.94
C VAL A 75 5.05 7.98 1.71
N SER A 76 5.05 9.15 1.07
CA SER A 76 4.53 10.38 1.68
C SER A 76 4.05 11.31 0.57
N PRO A 77 3.15 12.25 0.88
CA PRO A 77 2.65 13.17 -0.17
C PRO A 77 3.74 13.82 -0.98
N GLU A 78 4.82 14.28 -0.33
CA GLU A 78 5.95 14.81 -1.07
C GLU A 78 7.22 14.04 -0.72
N PRO A 79 8.11 13.83 -1.69
CA PRO A 79 9.34 13.07 -1.42
C PRO A 79 10.13 13.67 -0.26
N GLY A 80 10.67 12.79 0.57
CA GLY A 80 11.51 13.25 1.67
C GLY A 80 10.76 13.59 2.93
N GLN A 81 9.43 13.56 2.91
CA GLN A 81 8.74 13.93 4.14
C GLN A 81 8.72 12.80 5.16
N ALA A 82 9.12 11.58 4.78
CA ALA A 82 9.17 10.49 5.75
C ALA A 82 10.50 9.77 5.68
N ARG A 83 10.95 9.29 6.83
CA ARG A 83 12.24 8.63 6.90
C ARG A 83 12.15 7.57 7.98
N ILE A 84 12.59 6.36 7.67
CA ILE A 84 12.67 5.33 8.70
C ILE A 84 14.07 4.74 8.68
N GLU A 85 14.45 4.18 9.81
CA GLU A 85 15.69 3.43 9.94
C GLU A 85 15.34 1.95 10.02
N VAL A 86 15.84 1.17 9.07
CA VAL A 86 15.60 -0.26 9.03
C VAL A 86 16.83 -0.98 9.58
N HIS A 87 16.65 -1.75 10.64
CA HIS A 87 17.71 -2.60 11.20
C HIS A 87 17.65 -3.95 10.48
N LEU A 88 18.71 -4.30 9.78
CA LEU A 88 18.74 -5.55 9.01
C LEU A 88 19.96 -6.35 9.44
N ASP A 89 19.72 -7.42 10.22
CA ASP A 89 20.80 -8.26 10.71
C ASP A 89 21.91 -7.40 11.33
N GLY A 90 21.51 -6.49 12.22
CA GLY A 90 22.43 -5.60 12.89
C GLY A 90 23.06 -4.51 12.06
N VAL A 91 22.58 -4.25 10.83
CA VAL A 91 23.04 -3.11 10.03
C VAL A 91 21.87 -2.15 9.84
N ARG A 92 22.15 -0.86 10.01
CA ARG A 92 21.11 0.17 9.95
C ARG A 92 21.08 0.80 8.57
N HIS A 93 19.90 0.89 7.99
CA HIS A 93 19.69 1.53 6.68
C HIS A 93 18.62 2.58 6.82
N GLU A 94 18.92 3.78 6.36
CA GLU A 94 17.94 4.87 6.38
C GLU A 94 17.18 4.90 5.06
N LEU A 95 15.86 4.84 5.12
CA LEU A 95 15.04 4.91 3.91
C LEU A 95 14.37 6.26 3.88
N VAL A 96 14.34 6.89 2.71
CA VAL A 96 13.72 8.20 2.53
C VAL A 96 12.61 8.04 1.50
N SER A 97 11.43 8.59 1.80
CA SER A 97 10.30 8.38 0.91
C SER A 97 10.53 9.07 -0.44
N PRO A 98 10.12 8.45 -1.56
CA PRO A 98 9.50 7.11 -1.62
C PRO A 98 10.56 6.02 -1.71
N ALA A 99 10.37 4.86 -1.08
CA ALA A 99 11.39 3.82 -1.08
C ALA A 99 10.74 2.45 -0.88
N VAL A 100 11.32 1.44 -1.52
CA VAL A 100 10.89 0.06 -1.30
C VAL A 100 12.12 -0.78 -0.95
N MET A 101 12.03 -1.51 0.15
CA MET A 101 13.15 -2.32 0.64
C MET A 101 12.68 -3.74 0.83
N ARG A 102 13.44 -4.69 0.27
CA ARG A 102 13.11 -6.10 0.41
C ARG A 102 13.87 -6.69 1.58
N ILE A 103 13.14 -7.33 2.49
CA ILE A 103 13.73 -8.03 3.64
C ILE A 103 13.63 -9.52 3.39
N PRO A 104 14.73 -10.21 3.05
CA PRO A 104 14.64 -11.65 2.75
C PRO A 104 14.17 -12.45 3.97
N ALA A 105 13.38 -13.49 3.69
CA ALA A 105 12.94 -14.40 4.74
C ALA A 105 14.14 -14.88 5.53
N GLY A 106 13.99 -14.93 6.86
CA GLY A 106 15.06 -15.35 7.74
C GLY A 106 15.94 -14.22 8.23
N SER A 107 15.81 -13.02 7.67
CA SER A 107 16.59 -11.88 8.10
C SER A 107 15.96 -11.26 9.34
N GLU A 108 16.78 -10.99 10.36
CA GLU A 108 16.31 -10.28 11.54
C GLU A 108 16.16 -8.80 11.22
N HIS A 109 15.03 -8.22 11.62
CA HIS A 109 14.74 -6.88 11.13
C HIS A 109 13.68 -6.21 11.98
N CYS A 110 13.66 -4.88 11.91
CA CYS A 110 12.61 -4.01 12.43
C CYS A 110 12.92 -2.61 11.94
N PHE A 111 11.99 -1.67 12.17
CA PHE A 111 12.24 -0.29 11.80
C PHE A 111 11.85 0.68 12.90
N LEU A 112 12.47 1.85 12.83
CA LEU A 112 12.22 2.97 13.72
C LEU A 112 11.89 4.17 12.86
N THR A 113 10.81 4.86 13.18
CA THR A 113 10.45 6.05 12.42
C THR A 113 11.33 7.20 12.88
N LEU A 114 12.05 7.80 11.92
CA LEU A 114 12.90 8.95 12.13
C LEU A 114 12.14 10.26 11.91
N GLU A 115 11.31 10.30 10.88
CA GLU A 115 10.62 11.53 10.51
C GLU A 115 9.37 11.16 9.75
N ALA A 116 8.28 11.89 9.99
CA ALA A 116 7.04 11.61 9.29
C ALA A 116 6.11 12.80 9.45
N THR A 117 5.56 13.27 8.33
CA THR A 117 4.45 14.21 8.27
C THR A 117 3.12 13.47 8.32
N VAL A 118 2.05 14.23 8.53
CA VAL A 118 0.72 13.67 8.35
C VAL A 118 0.61 13.15 6.92
N GLY A 119 0.14 11.92 6.77
CA GLY A 119 0.08 11.29 5.48
C GLY A 119 1.30 10.49 5.07
N SER A 120 2.29 10.34 5.95
CA SER A 120 3.39 9.42 5.69
C SER A 120 2.98 8.02 6.12
N TYR A 121 3.33 7.02 5.31
CA TYR A 121 2.97 5.64 5.64
C TYR A 121 4.19 4.74 5.46
N CYS A 122 4.26 3.70 6.26
CA CYS A 122 5.09 2.55 5.95
C CYS A 122 4.17 1.35 5.88
N PHE A 123 4.18 0.67 4.74
CA PHE A 123 3.44 -0.58 4.59
C PHE A 123 4.41 -1.74 4.53
N GLY A 124 4.13 -2.78 5.31
CA GLY A 124 4.83 -4.05 5.21
C GLY A 124 4.03 -5.00 4.33
N ILE A 125 4.69 -5.56 3.33
CA ILE A 125 4.04 -6.44 2.37
C ILE A 125 4.71 -7.80 2.51
N LEU A 126 3.99 -8.76 3.08
CA LEU A 126 4.49 -10.14 3.18
C LEU A 126 4.20 -10.84 1.86
N VAL A 127 5.24 -11.37 1.21
CA VAL A 127 5.12 -11.98 -0.12
C VAL A 127 5.06 -13.49 0.05
N GLY A 128 4.02 -14.11 -0.51
CA GLY A 128 3.57 -15.45 -0.14
C GLY A 128 4.48 -16.63 -0.42
N ASP A 129 5.51 -16.48 -1.27
CA ASP A 129 6.47 -17.60 -1.54
C ASP A 129 5.84 -18.77 -2.28
N ALA B 12 22.07 -4.65 0.67
CA ALA B 12 20.64 -4.50 0.91
C ALA B 12 19.91 -4.15 -0.39
N GLU B 13 18.70 -4.68 -0.60
CA GLU B 13 17.94 -4.38 -1.82
C GLU B 13 16.97 -3.25 -1.51
N ILE B 14 17.31 -2.07 -1.99
CA ILE B 14 16.52 -0.88 -1.78
C ILE B 14 16.29 -0.25 -3.15
N VAL B 15 15.05 0.08 -3.46
CA VAL B 15 14.69 0.76 -4.69
C VAL B 15 14.27 2.17 -4.32
N THR B 16 14.94 3.17 -4.92
CA THR B 16 14.56 4.56 -4.66
C THR B 16 14.19 5.35 -5.91
N ALA B 17 14.34 4.79 -7.11
CA ALA B 17 13.93 5.48 -8.33
C ALA B 17 12.44 5.27 -8.55
N LEU B 18 11.65 6.02 -7.78
CA LEU B 18 10.22 5.79 -7.64
C LEU B 18 9.49 7.13 -7.63
N PRO B 19 8.25 7.17 -8.11
CA PRO B 19 7.50 6.10 -8.77
C PRO B 19 8.04 5.78 -10.17
N VAL B 20 7.67 4.62 -10.69
CA VAL B 20 8.00 4.20 -12.05
C VAL B 20 6.82 4.53 -12.95
N PRO B 21 6.95 5.48 -13.90
CA PRO B 21 5.83 5.76 -14.81
C PRO B 21 5.64 4.60 -15.79
N LEU B 22 4.45 4.01 -15.77
CA LEU B 22 4.09 2.93 -16.69
C LEU B 22 2.76 3.28 -17.36
N ALA B 23 2.65 2.97 -18.65
CA ALA B 23 1.39 3.14 -19.36
C ALA B 23 0.43 2.04 -18.96
N VAL B 24 -0.81 2.42 -18.68
CA VAL B 24 -1.87 1.50 -18.27
C VAL B 24 -3.15 1.89 -18.98
N ALA B 25 -4.08 0.94 -19.07
CA ALA B 25 -5.35 1.16 -19.76
C ALA B 25 -6.15 2.29 -19.10
N GLN B 29 -2.12 9.18 -19.87
CA GLN B 29 -0.87 9.37 -19.12
C GLN B 29 -0.36 8.12 -18.40
N PRO B 30 0.96 8.01 -18.23
CA PRO B 30 1.51 6.93 -17.40
C PRO B 30 1.11 7.08 -15.95
N ALA B 31 0.83 5.94 -15.29
CA ALA B 31 0.45 5.84 -13.89
C ALA B 31 1.70 5.62 -13.04
N PRO B 32 1.77 6.19 -11.84
CA PRO B 32 2.97 6.06 -11.01
C PRO B 32 2.96 4.75 -10.22
N PHE B 33 3.95 3.90 -10.48
CA PHE B 33 4.04 2.58 -9.87
C PHE B 33 5.12 2.58 -8.80
N TYR B 34 4.81 1.98 -7.65
CA TYR B 34 5.81 1.82 -6.61
C TYR B 34 6.29 0.39 -6.47
N LEU B 35 5.49 -0.59 -6.88
CA LEU B 35 5.94 -1.97 -7.03
C LEU B 35 5.64 -2.41 -8.44
N THR B 36 6.64 -2.93 -9.13
CA THR B 36 6.47 -3.50 -10.46
C THR B 36 6.82 -4.98 -10.42
N ALA B 37 6.31 -5.72 -11.41
CA ALA B 37 6.38 -7.18 -11.39
C ALA B 37 7.81 -7.70 -11.42
N ASP B 38 8.74 -6.94 -12.00
CA ASP B 38 10.11 -7.39 -12.15
C ASP B 38 11.00 -7.01 -10.97
N MET B 39 10.50 -6.26 -9.99
CA MET B 39 11.36 -5.88 -8.88
C MET B 39 11.78 -7.11 -8.08
N PHE B 40 13.01 -7.08 -7.57
CA PHE B 40 13.53 -8.06 -6.61
C PHE B 40 13.50 -9.49 -7.18
N GLY B 41 13.69 -9.63 -8.48
CA GLY B 41 13.61 -10.94 -9.11
C GLY B 41 12.22 -11.44 -9.43
N GLY B 42 11.20 -10.61 -9.24
CA GLY B 42 9.85 -11.01 -9.60
C GLY B 42 8.89 -10.85 -8.44
N LEU B 43 7.78 -10.15 -8.65
CA LEU B 43 6.80 -9.99 -7.59
C LEU B 43 5.45 -10.50 -8.08
N PRO B 44 4.60 -11.01 -7.20
CA PRO B 44 3.29 -11.48 -7.62
C PRO B 44 2.23 -10.40 -7.71
N VAL B 45 2.58 -9.13 -7.47
CA VAL B 45 1.65 -8.02 -7.57
C VAL B 45 2.37 -6.85 -8.22
N GLN B 46 1.59 -5.94 -8.80
CA GLN B 46 2.08 -4.62 -9.13
C GLN B 46 1.20 -3.63 -8.38
N LEU B 47 1.78 -2.49 -8.04
CA LEU B 47 1.12 -1.55 -7.14
C LEU B 47 1.38 -0.15 -7.66
N ALA B 48 0.29 0.55 -7.95
CA ALA B 48 0.35 1.89 -8.47
C ALA B 48 -0.55 2.76 -7.60
N GLY B 49 -0.35 4.04 -7.69
CA GLY B 49 -1.31 4.94 -7.11
C GLY B 49 -0.65 6.21 -6.65
N GLY B 50 -1.41 6.97 -5.90
CA GLY B 50 -0.86 8.22 -5.46
C GLY B 50 -1.86 9.00 -4.66
N GLU B 51 -1.39 10.16 -4.26
CA GLU B 51 -2.09 10.98 -3.30
C GLU B 51 -3.34 11.56 -3.96
N LEU B 52 -4.43 11.60 -3.20
CA LEU B 52 -5.73 11.90 -3.78
C LEU B 52 -6.12 13.37 -3.65
N SER B 53 -5.45 14.12 -2.78
CA SER B 53 -5.90 15.50 -2.52
C SER B 53 -5.81 16.32 -3.79
N LYS B 54 -4.89 15.97 -4.69
CA LYS B 54 -4.74 16.66 -5.96
C LYS B 54 -5.56 16.00 -7.07
N LEU B 55 -6.33 14.96 -6.74
CA LEU B 55 -7.17 14.26 -7.70
C LEU B 55 -8.63 14.61 -7.49
N VAL B 56 -8.96 15.39 -6.46
CA VAL B 56 -10.34 15.77 -6.22
C VAL B 56 -10.85 16.62 -7.36
N GLY B 57 -9.97 17.43 -7.94
CA GLY B 57 -10.42 18.38 -8.95
C GLY B 57 -10.67 17.83 -10.33
N LYS B 58 -10.19 16.67 -10.65
CA LYS B 58 -10.62 16.56 -12.05
C LYS B 58 -11.87 15.70 -12.16
N PRO B 59 -12.71 16.18 -13.08
CA PRO B 59 -14.12 15.75 -13.13
C PRO B 59 -14.42 14.42 -13.79
N VAL B 60 -13.50 13.88 -14.58
CA VAL B 60 -13.73 12.65 -15.31
C VAL B 60 -12.70 11.58 -14.97
N ALA B 61 -13.03 10.35 -15.34
CA ALA B 61 -12.14 9.20 -15.23
C ALA B 61 -12.54 8.23 -16.35
N ALA B 62 -11.51 7.50 -16.94
CA ALA B 62 -11.94 6.65 -18.06
C ALA B 62 -12.09 5.19 -17.69
N PRO B 63 -13.20 4.54 -18.05
CA PRO B 63 -13.33 3.11 -17.79
C PRO B 63 -12.27 2.34 -18.56
N HIS B 64 -11.80 1.24 -17.98
CA HIS B 64 -10.76 0.44 -18.61
C HIS B 64 -10.84 -0.98 -18.04
N VAL B 65 -10.05 -1.88 -18.64
CA VAL B 65 -10.04 -3.29 -18.31
C VAL B 65 -8.59 -3.75 -18.15
N HIS B 66 -8.38 -4.69 -17.24
CA HIS B 66 -7.13 -5.41 -17.09
C HIS B 66 -7.33 -6.89 -17.35
N GLU B 67 -6.24 -7.60 -17.62
CA GLU B 67 -6.33 -9.04 -17.77
C GLU B 67 -6.04 -9.77 -16.47
N VAL B 68 -5.80 -9.04 -15.38
CA VAL B 68 -5.69 -9.59 -14.04
C VAL B 68 -6.65 -8.83 -13.12
N ASP B 69 -6.91 -9.42 -11.96
CA ASP B 69 -7.66 -8.73 -10.93
C ASP B 69 -6.88 -7.52 -10.46
N GLU B 70 -7.62 -6.47 -10.10
CA GLU B 70 -7.05 -5.26 -9.53
C GLU B 70 -7.78 -5.00 -8.21
N LEU B 71 -7.02 -4.67 -7.18
CA LEU B 71 -7.60 -4.26 -5.89
C LEU B 71 -7.44 -2.76 -5.76
N TYR B 72 -8.53 -2.08 -5.41
CA TYR B 72 -8.47 -0.69 -4.98
C TYR B 72 -8.29 -0.69 -3.48
N PHE B 73 -7.27 0.02 -3.01
CA PHE B 73 -6.99 0.16 -1.60
C PHE B 73 -7.03 1.65 -1.27
N LEU B 74 -8.05 2.06 -0.53
CA LEU B 74 -8.30 3.46 -0.20
C LEU B 74 -7.98 3.69 1.27
N VAL B 75 -7.08 4.66 1.55
CA VAL B 75 -6.67 4.98 2.92
C VAL B 75 -6.50 6.47 3.13
N SER B 76 -6.62 6.87 4.39
CA SER B 76 -6.43 8.26 4.77
C SER B 76 -5.86 8.28 6.18
N PRO B 77 -5.13 9.34 6.55
CA PRO B 77 -4.54 9.39 7.90
C PRO B 77 -5.55 9.08 8.99
N GLU B 78 -6.77 9.62 8.87
CA GLU B 78 -7.83 9.26 9.79
C GLU B 78 -8.98 8.64 9.03
N PRO B 79 -9.67 7.66 9.63
CA PRO B 79 -10.76 6.97 8.92
C PRO B 79 -11.83 7.95 8.44
N GLY B 80 -12.35 7.69 7.25
CA GLY B 80 -13.44 8.51 6.77
C GLY B 80 -13.02 9.78 6.07
N GLN B 81 -11.72 10.10 6.03
CA GLN B 81 -11.26 11.35 5.42
C GLN B 81 -11.16 11.31 3.90
N ALA B 82 -11.33 10.17 3.24
CA ALA B 82 -11.24 10.12 1.79
C ALA B 82 -12.44 9.36 1.26
N ARG B 83 -12.88 9.72 0.04
CA ARG B 83 -14.11 9.18 -0.50
C ARG B 83 -13.98 9.12 -2.02
N ILE B 84 -14.28 7.95 -2.60
CA ILE B 84 -14.22 7.76 -4.05
C ILE B 84 -15.50 7.11 -4.53
N GLU B 85 -15.75 7.25 -5.82
CA GLU B 85 -16.80 6.54 -6.52
C GLU B 85 -16.14 5.50 -7.42
N VAL B 86 -16.47 4.23 -7.23
CA VAL B 86 -15.95 3.21 -8.12
C VAL B 86 -17.06 2.81 -9.06
N HIS B 87 -16.85 3.04 -10.35
CA HIS B 87 -17.78 2.62 -11.40
C HIS B 87 -17.37 1.24 -11.88
N LEU B 88 -18.22 0.25 -11.64
CA LEU B 88 -17.91 -1.13 -11.99
C LEU B 88 -19.03 -1.67 -12.85
N ASP B 89 -18.77 -1.83 -14.14
CA ASP B 89 -19.74 -2.39 -15.08
C ASP B 89 -21.08 -1.69 -14.95
N GLY B 90 -21.05 -0.37 -15.00
CA GLY B 90 -22.29 0.38 -14.90
C GLY B 90 -22.95 0.43 -13.53
N VAL B 91 -22.27 0.05 -12.45
CA VAL B 91 -22.81 0.27 -11.11
C VAL B 91 -21.88 1.22 -10.36
N ARG B 92 -22.47 2.20 -9.71
CA ARG B 92 -21.74 3.24 -9.00
C ARG B 92 -21.62 2.82 -7.53
N HIS B 93 -20.41 2.84 -7.00
CA HIS B 93 -20.13 2.47 -5.61
C HIS B 93 -19.43 3.62 -4.92
N GLU B 94 -19.96 4.09 -3.79
CA GLU B 94 -19.28 5.14 -3.05
C GLU B 94 -18.60 4.53 -1.82
N LEU B 95 -17.26 4.60 -1.79
CA LEU B 95 -16.48 3.99 -0.72
C LEU B 95 -15.80 5.06 0.12
N VAL B 96 -15.70 4.80 1.41
CA VAL B 96 -15.10 5.70 2.37
C VAL B 96 -13.91 4.99 3.02
N SER B 97 -12.81 5.73 3.22
CA SER B 97 -11.59 5.15 3.72
C SER B 97 -11.75 4.67 5.17
N PRO B 98 -11.13 3.54 5.54
CA PRO B 98 -10.32 2.64 4.71
C PRO B 98 -11.17 1.61 3.99
N ALA B 99 -10.85 1.26 2.75
CA ALA B 99 -11.67 0.34 1.99
C ALA B 99 -10.79 -0.38 0.99
N VAL B 100 -11.14 -1.64 0.71
CA VAL B 100 -10.48 -2.43 -0.31
C VAL B 100 -11.55 -3.05 -1.18
N MET B 101 -11.41 -2.90 -2.50
CA MET B 101 -12.42 -3.41 -3.42
C MET B 101 -11.74 -4.23 -4.51
N ARG B 102 -12.25 -5.42 -4.77
CA ARG B 102 -11.69 -6.27 -5.81
C ARG B 102 -12.43 -6.06 -7.14
N ILE B 103 -11.67 -5.76 -8.18
CA ILE B 103 -12.21 -5.62 -9.54
C ILE B 103 -11.77 -6.85 -10.33
N PRO B 104 -12.67 -7.80 -10.61
CA PRO B 104 -12.26 -9.02 -11.33
C PRO B 104 -11.73 -8.71 -12.72
N ALA B 105 -10.74 -9.51 -13.15
CA ALA B 105 -10.17 -9.35 -14.48
C ALA B 105 -11.29 -9.36 -15.54
N GLY B 106 -11.16 -8.47 -16.51
CA GLY B 106 -12.14 -8.32 -17.55
C GLY B 106 -13.28 -7.37 -17.24
N SER B 107 -13.42 -6.94 -15.98
CA SER B 107 -14.48 -6.00 -15.64
C SER B 107 -14.07 -4.58 -15.98
N GLU B 108 -14.97 -3.87 -16.64
CA GLU B 108 -14.74 -2.47 -16.98
C GLU B 108 -14.97 -1.63 -15.72
N HIS B 109 -14.06 -0.71 -15.44
CA HIS B 109 -14.05 -0.06 -14.15
C HIS B 109 -13.22 1.20 -14.20
N CYS B 110 -13.45 2.08 -13.22
CA CYS B 110 -12.58 3.22 -12.91
C CYS B 110 -13.08 3.82 -11.61
N PHE B 111 -12.32 4.78 -11.08
CA PHE B 111 -12.74 5.46 -9.87
C PHE B 111 -12.57 6.97 -10.03
N LEU B 112 -13.37 7.69 -9.26
CA LEU B 112 -13.30 9.13 -9.25
C LEU B 112 -13.21 9.57 -7.79
N THR B 113 -12.31 10.49 -7.49
CA THR B 113 -12.15 10.97 -6.11
C THR B 113 -13.16 12.06 -5.76
N LEU B 114 -13.97 11.83 -4.73
CA LEU B 114 -14.95 12.82 -4.29
C LEU B 114 -14.39 13.76 -3.23
N GLU B 115 -13.69 13.23 -2.23
CA GLU B 115 -13.14 14.04 -1.14
C GLU B 115 -11.86 13.37 -0.67
N ALA B 116 -10.88 14.19 -0.28
CA ALA B 116 -9.62 13.63 0.21
C ALA B 116 -8.87 14.71 0.97
N THR B 117 -8.40 14.38 2.17
CA THR B 117 -7.44 15.21 2.86
C THR B 117 -6.05 14.92 2.31
N VAL B 118 -5.12 15.83 2.58
CA VAL B 118 -3.73 15.61 2.22
C VAL B 118 -3.21 14.36 2.90
N GLY B 119 -2.57 13.49 2.15
CA GLY B 119 -2.15 12.23 2.71
C GLY B 119 -3.13 11.09 2.55
N SER B 120 -4.21 11.29 1.81
CA SER B 120 -5.11 10.20 1.42
C SER B 120 -4.57 9.55 0.16
N TYR B 121 -4.66 8.23 0.08
CA TYR B 121 -4.19 7.49 -1.10
C TYR B 121 -5.23 6.52 -1.60
N CYS B 122 -5.21 6.30 -2.91
CA CYS B 122 -5.82 5.11 -3.48
C CYS B 122 -4.72 4.39 -4.24
N PHE B 123 -4.48 3.14 -3.88
CA PHE B 123 -3.52 2.30 -4.56
C PHE B 123 -4.25 1.27 -5.40
N GLY B 124 -3.82 1.08 -6.65
CA GLY B 124 -4.31 0.00 -7.48
C GLY B 124 -3.31 -1.15 -7.44
N ILE B 125 -3.79 -2.32 -7.03
CA ILE B 125 -2.93 -3.49 -6.85
C ILE B 125 -3.35 -4.56 -7.85
N LEU B 126 -2.52 -4.76 -8.88
CA LEU B 126 -2.77 -5.80 -9.87
C LEU B 126 -2.25 -7.11 -9.30
N VAL B 127 -3.12 -8.11 -9.22
CA VAL B 127 -2.81 -9.36 -8.54
C VAL B 127 -2.55 -10.46 -9.56
N GLY B 128 -1.35 -11.05 -9.51
CA GLY B 128 -0.99 -12.13 -10.41
C GLY B 128 -1.74 -13.41 -10.07
#